data_3RXK
#
_entry.id   3RXK
#
_cell.length_a   54.407
_cell.length_b   58.415
_cell.length_c   66.485
_cell.angle_alpha   90.00
_cell.angle_beta   90.00
_cell.angle_gamma   90.00
#
_symmetry.space_group_name_H-M   'P 21 21 21'
#
loop_
_entity.id
_entity.type
_entity.pdbx_description
1 polymer 'Cationic trypsin'
2 non-polymer 'CALCIUM ION'
3 non-polymer GLYCEROL
4 non-polymer 'DIMETHYL SULFOXIDE'
5 non-polymer 'methyl (4R)-4-amino-1-methyl-L-prolinate'
6 water water
#
_entity_poly.entity_id   1
_entity_poly.type   'polypeptide(L)'
_entity_poly.pdbx_seq_one_letter_code
;IVGGYTCGANTVPYQVSLNSGYHFCGGSLINSQWVVSAAHCYKSGIQVRLGEDNINVVEGNEQFISASKSIVHPSYNSNT
LNNDIMLIKLKSAASLNSRVASISLPTSCASAGTQCLISGWGNTKSSGTSYPDVLKCLKAPILSDSSCKSAYPGQITSNM
FCAGYLEGGKDSCQGDSGGPVVCSGKLQGIVSWGSGCAQKNKPGVYTKVCNYVSWIKQTIASN
;
_entity_poly.pdbx_strand_id   A
#
loop_
_chem_comp.id
_chem_comp.type
_chem_comp.name
_chem_comp.formula
CA non-polymer 'CALCIUM ION' 'Ca 2'
DMS non-polymer 'DIMETHYL SULFOXIDE' 'C2 H6 O S'
GOL non-polymer GLYCEROL 'C3 H8 O3'
SZ8 non-polymer 'methyl (4R)-4-amino-1-methyl-L-prolinate' 'C7 H14 N2 O2'
#
# COMPACT_ATOMS: atom_id res chain seq x y z
N ILE A 1 5.95 9.25 1.03
CA ILE A 1 6.71 8.84 2.25
C ILE A 1 7.48 10.05 2.77
N VAL A 2 7.23 10.43 4.04
CA VAL A 2 7.95 11.51 4.71
C VAL A 2 9.02 10.91 5.63
N GLY A 3 10.23 11.43 5.54
CA GLY A 3 11.32 10.99 6.42
C GLY A 3 11.84 9.61 6.10
N GLY A 4 11.69 9.19 4.85
CA GLY A 4 12.14 7.89 4.40
C GLY A 4 13.47 7.96 3.68
N TYR A 5 13.74 6.95 2.87
CA TYR A 5 14.96 6.88 2.08
C TYR A 5 14.64 6.37 0.68
N THR A 6 15.52 6.69 -0.26
CA THR A 6 15.40 6.17 -1.63
C THR A 6 15.62 4.66 -1.59
N CYS A 7 14.61 3.89 -1.99
CA CYS A 7 14.67 2.44 -1.91
C CYS A 7 15.84 1.87 -2.68
N GLY A 8 16.01 2.37 -3.90
CA GLY A 8 16.89 1.74 -4.89
C GLY A 8 16.02 1.09 -5.95
N ALA A 9 16.43 1.21 -7.20
CA ALA A 9 15.64 0.73 -8.34
C ALA A 9 15.29 -0.75 -8.24
N ASN A 10 13.99 -1.05 -8.25
CA ASN A 10 13.47 -2.41 -8.32
C ASN A 10 13.82 -3.28 -7.11
N THR A 11 14.12 -2.65 -5.98
CA THR A 11 14.42 -3.36 -4.74
C THR A 11 13.14 -3.74 -3.97
N VAL A 12 11.99 -3.23 -4.42
CA VAL A 12 10.70 -3.57 -3.86
C VAL A 12 9.85 -4.09 -5.02
N PRO A 13 10.11 -5.34 -5.44
CA PRO A 13 9.61 -5.82 -6.73
C PRO A 13 8.10 -6.06 -6.82
N TYR A 14 7.42 -6.07 -5.67
CA TYR A 14 5.96 -6.22 -5.59
C TYR A 14 5.23 -4.87 -5.62
N GLN A 15 5.98 -3.77 -5.52
CA GLN A 15 5.37 -2.43 -5.54
C GLN A 15 4.91 -2.09 -6.93
N VAL A 16 3.63 -1.75 -7.07
CA VAL A 16 3.13 -1.26 -8.35
C VAL A 16 2.66 0.19 -8.21
N SER A 17 2.62 0.87 -9.35
CA SER A 17 2.00 2.18 -9.47
C SER A 17 0.73 2.04 -10.29
N LEU A 18 -0.38 2.58 -9.78
CA LEU A 18 -1.63 2.65 -10.51
C LEU A 18 -1.68 3.97 -11.25
N ASN A 19 -1.91 3.91 -12.55
CA ASN A 19 -1.80 5.06 -13.42
C ASN A 19 -3.08 5.25 -14.23
N SER A 20 -3.63 6.46 -14.18
CA SER A 20 -4.79 6.83 -15.00
C SER A 20 -4.47 8.10 -15.81
N GLY A 21 -3.29 8.10 -16.43
CA GLY A 21 -2.73 9.31 -17.06
C GLY A 21 -1.62 9.91 -16.20
N TYR A 22 -1.52 9.41 -14.98
CA TYR A 22 -0.60 9.90 -13.95
C TYR A 22 -0.66 8.89 -12.82
N HIS A 23 0.39 8.82 -12.01
CA HIS A 23 0.37 8.00 -10.81
C HIS A 23 -0.65 8.56 -9.84
N PHE A 24 -1.52 7.71 -9.31
CA PHE A 24 -2.48 8.14 -8.29
C PHE A 24 -2.55 7.27 -7.03
N CYS A 25 -1.95 6.08 -7.06
CA CYS A 25 -1.98 5.18 -5.92
C CYS A 25 -0.94 4.09 -6.08
N GLY A 26 -0.55 3.52 -4.95
CA GLY A 26 0.26 2.31 -4.94
C GLY A 26 -0.61 1.06 -4.94
N GLY A 27 0.07 -0.08 -5.04
CA GLY A 27 -0.57 -1.39 -4.98
C GLY A 27 0.50 -2.44 -4.75
N SER A 28 0.08 -3.67 -4.50
CA SER A 28 0.99 -4.78 -4.28
C SER A 28 0.62 -5.95 -5.18
N LEU A 29 1.62 -6.46 -5.91
CA LEU A 29 1.42 -7.63 -6.76
C LEU A 29 1.39 -8.88 -5.88
N ILE A 30 0.31 -9.64 -5.93
CA ILE A 30 0.18 -10.86 -5.08
C ILE A 30 0.18 -12.17 -5.89
N ASN A 31 -0.03 -12.07 -7.20
CA ASN A 31 0.33 -13.14 -8.14
C ASN A 31 0.45 -12.55 -9.55
N SER A 32 0.68 -13.37 -10.55
CA SER A 32 0.91 -12.85 -11.90
C SER A 32 -0.25 -12.06 -12.51
N GLN A 33 -1.46 -12.25 -11.98
CA GLN A 33 -2.67 -11.62 -12.55
C GLN A 33 -3.37 -10.62 -11.62
N TRP A 34 -2.93 -10.49 -10.37
CA TRP A 34 -3.70 -9.75 -9.37
C TRP A 34 -2.88 -8.80 -8.51
N VAL A 35 -3.46 -7.62 -8.28
CA VAL A 35 -2.89 -6.59 -7.42
C VAL A 35 -3.85 -6.27 -6.27
N VAL A 36 -3.30 -6.09 -5.07
CA VAL A 36 -4.07 -5.61 -3.92
C VAL A 36 -3.78 -4.13 -3.70
N SER A 37 -4.84 -3.34 -3.51
CA SER A 37 -4.70 -1.92 -3.25
C SER A 37 -5.76 -1.48 -2.23
N ALA A 38 -5.90 -0.18 -2.03
CA ALA A 38 -6.92 0.35 -1.13
C ALA A 38 -8.21 0.58 -1.90
N ALA A 39 -9.35 0.35 -1.25
CA ALA A 39 -10.65 0.62 -1.87
C ALA A 39 -10.80 2.10 -2.23
N HIS A 40 -10.21 2.99 -1.43
CA HIS A 40 -10.31 4.43 -1.72
C HIS A 40 -9.49 4.83 -2.96
N CYS A 41 -8.70 3.90 -3.49
CA CYS A 41 -8.02 4.08 -4.78
C CYS A 41 -8.88 3.69 -5.99
N TYR A 42 -10.09 3.18 -5.76
CA TYR A 42 -10.95 2.77 -6.86
C TYR A 42 -11.21 3.91 -7.86
N LYS A 43 -11.06 3.60 -9.14
CA LYS A 43 -11.55 4.43 -10.23
C LYS A 43 -11.54 3.56 -11.48
N SER A 44 -12.18 4.03 -12.55
CA SER A 44 -12.10 3.33 -13.83
C SER A 44 -10.84 3.76 -14.58
N GLY A 45 -10.47 2.99 -15.60
CA GLY A 45 -9.36 3.33 -16.48
C GLY A 45 -7.99 3.20 -15.83
N ILE A 46 -7.80 2.12 -15.08
CA ILE A 46 -6.54 1.89 -14.38
C ILE A 46 -5.57 1.10 -15.25
N GLN A 47 -4.35 1.61 -15.39
CA GLN A 47 -3.24 0.86 -15.93
C GLN A 47 -2.30 0.53 -14.77
N VAL A 48 -1.97 -0.74 -14.62
CA VAL A 48 -1.03 -1.17 -13.60
C VAL A 48 0.39 -1.09 -14.17
N ARG A 49 1.26 -0.42 -13.44
CA ARG A 49 2.65 -0.25 -13.86
C ARG A 49 3.57 -0.97 -12.89
N LEU A 50 4.18 -2.05 -13.39
CA LEU A 50 5.08 -2.90 -12.59
C LEU A 50 6.52 -2.61 -13.00
N GLY A 51 7.46 -2.99 -12.13
CA GLY A 51 8.88 -2.79 -12.42
C GLY A 51 9.32 -1.34 -12.44
N GLU A 52 8.59 -0.47 -11.76
CA GLU A 52 8.87 0.96 -11.76
C GLU A 52 9.89 1.36 -10.70
N ASP A 53 10.80 2.25 -11.08
CA ASP A 53 11.48 3.08 -10.09
C ASP A 53 11.09 4.54 -10.35
N ASN A 54 11.75 5.21 -11.29
CA ASN A 54 11.33 6.54 -11.69
C ASN A 54 10.05 6.44 -12.51
N ILE A 55 8.94 6.93 -11.97
CA ILE A 55 7.64 6.81 -12.65
C ILE A 55 7.49 7.78 -13.83
N ASN A 56 8.42 8.72 -13.98
CA ASN A 56 8.40 9.67 -15.10
C ASN A 56 9.32 9.29 -16.26
N VAL A 57 10.09 8.21 -16.12
CA VAL A 57 11.08 7.82 -17.12
C VAL A 57 10.97 6.33 -17.39
N VAL A 58 10.97 5.93 -18.66
CA VAL A 58 11.01 4.52 -19.02
C VAL A 58 12.45 4.05 -18.89
N GLU A 59 12.72 3.23 -17.86
CA GLU A 59 14.08 2.83 -17.52
C GLU A 59 14.44 1.40 -17.97
N GLY A 60 13.45 0.62 -18.40
CA GLY A 60 13.72 -0.65 -19.09
C GLY A 60 13.23 -1.92 -18.40
N ASN A 61 12.73 -1.82 -17.17
CA ASN A 61 12.23 -2.99 -16.45
C ASN A 61 10.72 -2.97 -16.22
N GLU A 62 10.05 -1.97 -16.80
CA GLU A 62 8.61 -1.81 -16.61
C GLU A 62 7.77 -2.83 -17.38
N GLN A 63 6.61 -3.13 -16.82
CA GLN A 63 5.53 -3.78 -17.55
C GLN A 63 4.28 -2.95 -17.31
N PHE A 64 3.65 -2.51 -18.39
CA PHE A 64 2.41 -1.73 -18.33
C PHE A 64 1.26 -2.62 -18.77
N ILE A 65 0.31 -2.86 -17.88
CA ILE A 65 -0.79 -3.78 -18.14
C ILE A 65 -2.09 -3.18 -17.61
N SER A 66 -3.08 -3.04 -18.50
CA SER A 66 -4.37 -2.49 -18.14
C SER A 66 -5.15 -3.44 -17.24
N ALA A 67 -5.95 -2.89 -16.34
CA ALA A 67 -6.83 -3.68 -15.49
C ALA A 67 -8.04 -4.15 -16.30
N SER A 68 -8.41 -5.41 -16.13
CA SER A 68 -9.62 -5.94 -16.76
C SER A 68 -10.82 -5.83 -15.83
N LYS A 69 -10.55 -5.83 -14.52
CA LYS A 69 -11.61 -5.66 -13.54
C LYS A 69 -11.05 -5.23 -12.19
N SER A 70 -11.86 -4.48 -11.44
CA SER A 70 -11.55 -4.13 -10.06
C SER A 70 -12.68 -4.63 -9.17
N ILE A 71 -12.31 -5.11 -7.98
CA ILE A 71 -13.28 -5.60 -7.01
C ILE A 71 -13.02 -4.93 -5.67
N VAL A 72 -13.85 -3.95 -5.34
CA VAL A 72 -13.83 -3.29 -4.04
C VAL A 72 -14.47 -4.22 -3.03
N HIS A 73 -13.92 -4.26 -1.81
CA HIS A 73 -14.46 -5.13 -0.78
C HIS A 73 -15.95 -4.85 -0.58
N PRO A 74 -16.76 -5.92 -0.44
CA PRO A 74 -18.21 -5.72 -0.34
C PRO A 74 -18.64 -4.82 0.83
N SER A 75 -17.84 -4.78 1.89
CA SER A 75 -18.18 -4.05 3.12
C SER A 75 -17.39 -2.73 3.26
N TYR A 76 -16.73 -2.30 2.20
CA TYR A 76 -16.02 -1.03 2.24
C TYR A 76 -16.98 0.11 2.54
N ASN A 77 -16.65 0.90 3.55
CA ASN A 77 -17.35 2.14 3.87
C ASN A 77 -16.40 3.30 3.64
N SER A 78 -16.72 4.14 2.65
CA SER A 78 -15.83 5.25 2.27
C SER A 78 -15.81 6.42 3.26
N ASN A 79 -16.80 6.48 4.15
CA ASN A 79 -16.81 7.49 5.20
C ASN A 79 -15.84 7.18 6.33
N THR A 80 -15.90 5.93 6.82
CA THR A 80 -15.05 5.48 7.93
C THR A 80 -13.75 4.83 7.47
N LEU A 81 -13.69 4.49 6.18
CA LEU A 81 -12.60 3.70 5.58
C LEU A 81 -12.45 2.30 6.17
N ASN A 82 -13.50 1.79 6.82
CA ASN A 82 -13.50 0.41 7.26
C ASN A 82 -13.52 -0.51 6.05
N ASN A 83 -12.68 -1.56 6.08
CA ASN A 83 -12.52 -2.50 4.96
C ASN A 83 -11.95 -1.82 3.71
N ASP A 84 -10.90 -1.03 3.91
CA ASP A 84 -10.28 -0.28 2.82
C ASP A 84 -9.32 -1.17 2.02
N ILE A 85 -9.93 -2.02 1.20
CA ILE A 85 -9.17 -2.97 0.39
C ILE A 85 -9.89 -3.25 -0.93
N MET A 86 -9.12 -3.42 -2.00
CA MET A 86 -9.67 -3.76 -3.31
C MET A 86 -8.69 -4.64 -4.08
N LEU A 87 -9.23 -5.47 -4.95
CA LEU A 87 -8.43 -6.32 -5.84
C LEU A 87 -8.54 -5.80 -7.27
N ILE A 88 -7.43 -5.87 -7.99
CA ILE A 88 -7.38 -5.46 -9.39
C ILE A 88 -6.80 -6.61 -10.19
N LYS A 89 -7.54 -7.06 -11.21
CA LYS A 89 -7.06 -8.09 -12.11
C LYS A 89 -6.44 -7.47 -13.35
N LEU A 90 -5.28 -7.99 -13.74
CA LEU A 90 -4.58 -7.56 -14.94
C LEU A 90 -5.15 -8.25 -16.18
N LYS A 91 -5.22 -7.51 -17.29
CA LYS A 91 -5.74 -8.06 -18.56
C LYS A 91 -4.89 -9.21 -19.07
N SER A 92 -3.58 -9.13 -18.82
CA SER A 92 -2.65 -10.22 -19.13
C SER A 92 -1.74 -10.45 -17.94
N ALA A 93 -1.26 -11.67 -17.79
CA ALA A 93 -0.39 -12.04 -16.69
C ALA A 93 0.96 -11.33 -16.82
N ALA A 94 1.43 -10.77 -15.70
CA ALA A 94 2.77 -10.17 -15.66
C ALA A 94 3.82 -11.25 -15.82
N SER A 95 4.94 -10.89 -16.44
CA SER A 95 6.09 -11.79 -16.52
C SER A 95 6.89 -11.60 -15.24
N LEU A 96 6.92 -12.62 -14.39
CA LEU A 96 7.58 -12.51 -13.10
C LEU A 96 9.08 -12.75 -13.24
N ASN A 97 9.84 -11.92 -12.54
CA ASN A 97 11.30 -12.00 -12.54
C ASN A 97 11.82 -11.39 -11.24
N SER A 98 13.13 -11.18 -11.14
CA SER A 98 13.74 -10.63 -9.93
C SER A 98 13.26 -9.21 -9.59
N ARG A 99 12.80 -8.47 -10.60
CA ARG A 99 12.38 -7.08 -10.43
C ARG A 99 10.87 -6.88 -10.45
N VAL A 100 10.13 -7.92 -10.85
CA VAL A 100 8.66 -7.90 -10.83
C VAL A 100 8.24 -9.22 -10.18
N ALA A 101 7.86 -9.16 -8.91
CA ALA A 101 7.63 -10.37 -8.12
C ALA A 101 6.46 -10.17 -7.20
N SER A 102 5.72 -11.25 -6.93
CA SER A 102 4.60 -11.20 -6.00
C SER A 102 5.08 -11.19 -4.55
N ILE A 103 4.24 -10.66 -3.67
CA ILE A 103 4.48 -10.69 -2.22
C ILE A 103 3.48 -11.65 -1.58
N SER A 104 3.97 -12.46 -0.65
CA SER A 104 3.14 -13.45 0.05
C SER A 104 2.09 -12.78 0.94
N LEU A 105 0.93 -13.41 1.02
CA LEU A 105 -0.10 -12.99 1.97
C LEU A 105 0.24 -13.54 3.35
N PRO A 106 -0.24 -12.89 4.41
CA PRO A 106 0.02 -13.42 5.75
C PRO A 106 -0.72 -14.73 6.02
N THR A 107 -0.14 -15.57 6.86
CA THR A 107 -0.83 -16.75 7.39
C THR A 107 -1.35 -16.47 8.80
N SER A 108 -0.77 -15.46 9.46
CA SER A 108 -1.31 -14.93 10.72
C SER A 108 -1.07 -13.42 10.78
N CYS A 109 -1.79 -12.76 11.68
CA CYS A 109 -1.65 -11.32 11.85
C CYS A 109 -0.33 -11.00 12.56
N ALA A 110 0.23 -9.83 12.26
CA ALA A 110 1.52 -9.40 12.82
C ALA A 110 1.29 -8.56 14.07
N SER A 111 2.24 -8.64 15.01
CA SER A 111 2.09 -8.07 16.33
C SER A 111 2.63 -6.65 16.43
N ALA A 112 2.17 -5.91 17.43
CA ALA A 112 2.78 -4.63 17.81
C ALA A 112 4.28 -4.85 18.00
N GLY A 113 5.08 -3.93 17.46
CA GLY A 113 6.53 -4.03 17.54
C GLY A 113 7.20 -4.68 16.35
N THR A 114 6.43 -5.40 15.54
CA THR A 114 6.95 -5.99 14.30
C THR A 114 7.46 -4.88 13.39
N GLN A 115 8.67 -5.05 12.86
CA GLN A 115 9.27 -4.09 11.95
C GLN A 115 8.79 -4.38 10.52
N CYS A 116 8.42 -3.33 9.80
CA CYS A 116 7.88 -3.45 8.45
C CYS A 116 8.50 -2.45 7.50
N LEU A 117 8.31 -2.68 6.21
CA LEU A 117 8.75 -1.77 5.17
C LEU A 117 7.54 -1.19 4.46
N ILE A 118 7.44 0.13 4.46
CA ILE A 118 6.36 0.85 3.81
C ILE A 118 6.98 1.62 2.66
N SER A 119 6.33 1.61 1.49
CA SER A 119 6.93 2.22 0.31
C SER A 119 5.91 2.89 -0.58
N GLY A 120 6.36 3.84 -1.39
CA GLY A 120 5.49 4.54 -2.32
C GLY A 120 6.09 5.80 -2.93
N TRP A 121 5.32 6.41 -3.83
CA TRP A 121 5.70 7.61 -4.54
C TRP A 121 4.93 8.84 -4.03
N GLY A 122 4.42 8.76 -2.81
CA GLY A 122 3.66 9.85 -2.23
C GLY A 122 4.49 11.06 -1.83
N ASN A 123 3.79 12.09 -1.35
CA ASN A 123 4.40 13.33 -0.86
C ASN A 123 5.52 13.04 0.15
N THR A 124 6.63 13.76 0.04
CA THR A 124 7.76 13.60 0.97
C THR A 124 7.82 14.72 2.02
N LYS A 125 6.88 15.65 1.99
CA LYS A 125 6.82 16.75 2.96
C LYS A 125 5.66 16.60 3.94
N SER A 126 5.89 17.00 5.19
CA SER A 126 4.86 16.96 6.24
C SER A 126 4.07 18.27 6.32
N SER A 127 4.68 19.36 5.83
CA SER A 127 4.03 20.67 5.82
C SER A 127 3.71 21.11 4.40
N GLY A 128 4.73 21.12 3.54
CA GLY A 128 4.59 21.52 2.15
C GLY A 128 4.20 20.37 1.23
N THR A 129 4.60 20.47 -0.04
CA THR A 129 4.28 19.44 -1.03
C THR A 129 5.45 19.23 -2.01
N SER A 130 5.95 18.00 -2.07
CA SER A 130 6.95 17.61 -3.05
C SER A 130 6.79 16.13 -3.36
N TYR A 131 6.60 15.81 -4.64
CA TYR A 131 6.39 14.43 -5.05
C TYR A 131 7.65 13.89 -5.73
N PRO A 132 8.15 12.74 -5.24
CA PRO A 132 9.36 12.17 -5.79
C PRO A 132 9.06 11.43 -7.08
N ASP A 133 10.08 11.26 -7.90
CA ASP A 133 9.96 10.45 -9.11
C ASP A 133 10.31 8.99 -8.81
N VAL A 134 11.28 8.78 -7.93
CA VAL A 134 11.76 7.43 -7.60
C VAL A 134 11.07 6.91 -6.34
N LEU A 135 11.06 5.59 -6.17
CA LEU A 135 10.34 4.96 -5.06
C LEU A 135 11.02 5.27 -3.73
N LYS A 136 10.23 5.67 -2.74
CA LYS A 136 10.72 5.94 -1.39
C LYS A 136 10.28 4.84 -0.43
N CYS A 137 11.10 4.62 0.60
CA CYS A 137 10.94 3.53 1.55
C CYS A 137 11.00 4.06 2.97
N LEU A 138 10.29 3.38 3.88
CA LEU A 138 10.35 3.69 5.31
C LEU A 138 10.27 2.40 6.12
N LYS A 139 11.23 2.23 7.02
CA LYS A 139 11.15 1.16 8.00
C LYS A 139 10.40 1.68 9.21
N ALA A 140 9.35 0.96 9.61
CA ALA A 140 8.46 1.42 10.67
C ALA A 140 7.88 0.24 11.44
N PRO A 141 7.73 0.40 12.77
CA PRO A 141 7.11 -0.65 13.57
C PRO A 141 5.59 -0.53 13.64
N ILE A 142 4.94 -1.67 13.77
CA ILE A 142 3.51 -1.70 14.06
C ILE A 142 3.32 -1.24 15.51
N LEU A 143 2.34 -0.38 15.72
CA LEU A 143 2.05 0.16 17.04
C LEU A 143 0.95 -0.64 17.71
N SER A 144 0.91 -0.61 19.03
CA SER A 144 -0.12 -1.32 19.77
C SER A 144 -1.51 -0.80 19.40
N ASP A 145 -2.50 -1.69 19.48
CA ASP A 145 -3.89 -1.32 19.25
C ASP A 145 -4.32 -0.20 20.20
N SER A 146 -3.89 -0.29 21.46
CA SER A 146 -4.27 0.72 22.46
C SER A 146 -3.71 2.11 22.11
N SER A 147 -2.44 2.18 21.70
CA SER A 147 -1.86 3.48 21.32
C SER A 147 -2.48 4.00 20.03
N CYS A 148 -2.82 3.10 19.12
CA CYS A 148 -3.48 3.48 17.86
C CYS A 148 -4.85 4.11 18.16
N LYS A 149 -5.63 3.42 18.98
CA LYS A 149 -6.94 3.90 19.39
C LYS A 149 -6.89 5.20 20.16
N SER A 150 -5.89 5.37 21.03
CA SER A 150 -5.80 6.61 21.80
C SER A 150 -5.29 7.78 20.92
N ALA A 151 -4.52 7.47 19.87
CA ALA A 151 -4.14 8.47 18.88
C ALA A 151 -5.33 8.96 18.05
N TYR A 152 -6.25 8.04 17.75
CA TYR A 152 -7.41 8.35 16.91
C TYR A 152 -8.71 7.88 17.58
N PRO A 153 -9.14 8.59 18.63
CA PRO A 153 -10.37 8.17 19.33
C PRO A 153 -11.57 7.98 18.38
N GLY A 154 -12.26 6.86 18.55
CA GLY A 154 -13.49 6.58 17.81
C GLY A 154 -13.36 6.20 16.34
N GLN A 155 -12.12 6.02 15.86
CA GLN A 155 -11.87 5.80 14.42
C GLN A 155 -11.18 4.50 14.03
N ILE A 156 -10.57 3.81 14.99
CA ILE A 156 -9.81 2.60 14.68
C ILE A 156 -10.69 1.36 14.84
N THR A 157 -10.95 0.67 13.73
CA THR A 157 -11.72 -0.57 13.76
C THR A 157 -10.80 -1.77 13.87
N SER A 158 -11.40 -2.96 13.97
CA SER A 158 -10.65 -4.21 14.03
C SER A 158 -9.95 -4.53 12.71
N ASN A 159 -10.23 -3.76 11.66
CA ASN A 159 -9.62 -3.95 10.35
C ASN A 159 -8.53 -2.92 10.03
N MET A 160 -8.04 -2.26 11.08
CA MET A 160 -7.02 -1.23 10.94
C MET A 160 -5.92 -1.42 11.98
N PHE A 161 -4.71 -1.02 11.62
CA PHE A 161 -3.65 -0.87 12.60
C PHE A 161 -2.80 0.34 12.30
N CYS A 162 -2.12 0.83 13.33
CA CYS A 162 -1.21 1.96 13.19
C CYS A 162 0.21 1.44 13.05
N ALA A 163 1.00 2.13 12.24
CA ALA A 163 2.44 1.87 12.17
C ALA A 163 3.16 3.19 12.02
N GLY A 164 4.36 3.25 12.56
CA GLY A 164 5.17 4.47 12.46
C GLY A 164 5.68 4.92 13.81
N TYR A 165 5.60 6.23 14.04
CA TYR A 165 6.31 6.88 15.14
C TYR A 165 5.44 7.97 15.75
N LEU A 166 5.12 7.82 17.05
CA LEU A 166 4.28 8.80 17.73
C LEU A 166 4.96 10.18 17.86
N GLU A 167 6.29 10.20 17.78
CA GLU A 167 7.03 11.46 17.75
C GLU A 167 6.87 12.22 16.42
N GLY A 168 6.35 11.56 15.40
CA GLY A 168 6.20 12.15 14.07
C GLY A 168 7.50 12.12 13.30
N GLY A 169 7.54 12.80 12.16
CA GLY A 169 8.74 12.91 11.34
C GLY A 169 8.89 11.85 10.26
N LYS A 170 8.30 10.67 10.49
CA LYS A 170 8.41 9.55 9.55
C LYS A 170 7.05 8.88 9.37
N ASP A 171 6.56 8.83 8.14
CA ASP A 171 5.18 8.42 7.88
C ASP A 171 4.93 8.19 6.39
N SER A 172 3.84 7.53 6.07
CA SER A 172 3.33 7.52 4.70
C SER A 172 2.52 8.81 4.50
N CYS A 173 2.20 9.13 3.26
CA CYS A 173 1.50 10.38 2.96
C CYS A 173 0.66 10.25 1.69
N GLN A 174 0.05 11.36 1.29
CA GLN A 174 -0.77 11.43 0.08
C GLN A 174 -0.02 10.88 -1.13
N GLY A 175 -0.65 9.97 -1.86
CA GLY A 175 -0.01 9.34 -3.03
C GLY A 175 0.60 7.98 -2.71
N ASP A 176 0.83 7.69 -1.44
CA ASP A 176 1.27 6.37 -1.00
C ASP A 176 0.08 5.42 -0.87
N SER A 177 -1.12 5.99 -0.80
CA SER A 177 -2.39 5.25 -0.75
C SER A 177 -2.37 3.95 -1.54
N GLY A 178 -2.79 2.86 -0.91
CA GLY A 178 -2.94 1.58 -1.59
C GLY A 178 -1.68 0.74 -1.61
N GLY A 179 -0.56 1.34 -1.22
CA GLY A 179 0.73 0.67 -1.27
C GLY A 179 0.97 -0.28 -0.12
N PRO A 180 2.10 -1.00 -0.17
CA PRO A 180 2.39 -2.08 0.76
C PRO A 180 2.95 -1.68 2.13
N VAL A 181 2.58 -2.46 3.13
CA VAL A 181 3.30 -2.56 4.39
C VAL A 181 3.71 -4.04 4.50
N VAL A 182 5.00 -4.31 4.34
CA VAL A 182 5.50 -5.69 4.32
C VAL A 182 6.35 -5.95 5.54
N CYS A 183 6.06 -7.04 6.23
CA CYS A 183 6.75 -7.38 7.48
C CYS A 183 7.17 -8.84 7.40
N SER A 184 8.46 -9.09 7.55
CA SER A 184 9.02 -10.45 7.46
C SER A 184 8.56 -11.18 6.19
N GLY A 185 8.54 -10.47 5.07
CA GLY A 185 8.18 -11.05 3.79
C GLY A 185 6.71 -11.31 3.55
N LYS A 186 5.85 -10.73 4.39
CA LYS A 186 4.39 -10.87 4.24
C LYS A 186 3.73 -9.50 4.11
N LEU A 187 2.72 -9.41 3.26
CA LEU A 187 1.95 -8.18 3.11
C LEU A 187 0.95 -8.07 4.27
N GLN A 188 1.29 -7.30 5.30
CA GLN A 188 0.41 -7.17 6.46
C GLN A 188 -0.49 -5.94 6.39
N GLY A 189 -0.10 -4.93 5.60
CA GLY A 189 -0.86 -3.70 5.54
C GLY A 189 -0.97 -3.06 4.18
N ILE A 190 -1.96 -2.19 4.06
CA ILE A 190 -2.18 -1.36 2.88
C ILE A 190 -2.28 0.08 3.38
N VAL A 191 -1.55 0.98 2.75
CA VAL A 191 -1.59 2.41 3.10
C VAL A 191 -3.03 2.91 2.95
N SER A 192 -3.64 3.32 4.07
CA SER A 192 -5.06 3.65 4.09
C SER A 192 -5.30 5.13 4.40
N TRP A 193 -4.98 5.58 5.61
CA TRP A 193 -5.28 6.95 5.98
C TRP A 193 -4.47 7.47 7.15
N GLY A 194 -4.62 8.77 7.42
CA GLY A 194 -4.03 9.41 8.58
C GLY A 194 -4.52 10.84 8.68
N SER A 195 -4.15 11.53 9.75
CA SER A 195 -4.45 12.95 9.89
C SER A 195 -3.21 13.73 9.54
N GLY A 196 -3.16 14.26 8.32
CA GLY A 196 -1.92 14.82 7.79
C GLY A 196 -0.87 13.73 7.69
N CYS A 197 0.40 14.11 7.63
CA CYS A 197 1.50 13.15 7.54
C CYS A 197 2.63 13.53 8.48
N ALA A 198 3.15 12.51 9.19
CA ALA A 198 4.32 12.66 10.04
C ALA A 198 4.11 13.65 11.19
N GLN A 199 2.85 13.87 11.57
CA GLN A 199 2.53 14.74 12.68
C GLN A 199 2.65 13.99 13.99
N LYS A 200 3.05 14.69 15.04
CA LYS A 200 3.17 14.10 16.37
C LYS A 200 1.83 13.48 16.79
N ASN A 201 1.91 12.25 17.30
CA ASN A 201 0.74 11.50 17.81
C ASN A 201 -0.33 11.17 16.77
N LYS A 202 0.01 11.27 15.49
CA LYS A 202 -0.89 10.91 14.40
C LYS A 202 -0.16 9.98 13.41
N PRO A 203 0.09 8.73 13.85
CA PRO A 203 0.78 7.80 12.95
C PRO A 203 -0.12 7.35 11.81
N GLY A 204 0.48 6.78 10.77
CA GLY A 204 -0.28 6.24 9.66
C GLY A 204 -1.17 5.10 10.08
N VAL A 205 -2.33 4.99 9.43
CA VAL A 205 -3.29 3.92 9.67
C VAL A 205 -3.35 3.06 8.41
N TYR A 206 -3.40 1.74 8.61
CA TYR A 206 -3.23 0.76 7.56
C TYR A 206 -4.31 -0.31 7.62
N THR A 207 -4.75 -0.77 6.45
CA THR A 207 -5.72 -1.86 6.39
C THR A 207 -5.05 -3.14 6.86
N LYS A 208 -5.73 -3.87 7.74
CA LYS A 208 -5.20 -5.09 8.35
C LYS A 208 -5.42 -6.29 7.43
N VAL A 209 -4.45 -6.55 6.56
CA VAL A 209 -4.60 -7.50 5.46
C VAL A 209 -4.91 -8.93 5.92
N CYS A 210 -4.35 -9.34 7.06
CA CYS A 210 -4.58 -10.70 7.58
C CYS A 210 -6.07 -11.01 7.77
N ASN A 211 -6.90 -9.99 7.97
CA ASN A 211 -8.35 -10.18 8.07
C ASN A 211 -9.03 -10.53 6.75
N TYR A 212 -8.31 -10.38 5.64
CA TYR A 212 -8.91 -10.47 4.31
C TYR A 212 -8.36 -11.60 3.44
N VAL A 213 -7.52 -12.45 4.02
CA VAL A 213 -6.85 -13.49 3.25
C VAL A 213 -7.84 -14.47 2.62
N SER A 214 -8.86 -14.86 3.39
CA SER A 214 -9.90 -15.76 2.86
C SER A 214 -10.67 -15.13 1.70
N TRP A 215 -11.05 -13.86 1.88
CA TRP A 215 -11.74 -13.14 0.82
C TRP A 215 -10.86 -13.00 -0.42
N ILE A 216 -9.59 -12.68 -0.23
CA ILE A 216 -8.67 -12.53 -1.36
C ILE A 216 -8.54 -13.84 -2.12
N LYS A 217 -8.31 -14.93 -1.39
CA LYS A 217 -8.11 -16.24 -2.02
C LYS A 217 -9.35 -16.71 -2.77
N GLN A 218 -10.51 -16.58 -2.14
CA GLN A 218 -11.76 -17.03 -2.75
C GLN A 218 -12.13 -16.17 -3.96
N THR A 219 -11.88 -14.87 -3.86
CA THR A 219 -12.17 -13.96 -4.97
C THR A 219 -11.28 -14.31 -6.18
N ILE A 220 -9.99 -14.47 -5.94
CA ILE A 220 -9.06 -14.85 -7.00
C ILE A 220 -9.47 -16.19 -7.64
N ALA A 221 -9.92 -17.13 -6.81
CA ALA A 221 -10.27 -18.47 -7.29
C ALA A 221 -11.49 -18.50 -8.22
N SER A 222 -12.32 -17.45 -8.19
CA SER A 222 -13.56 -17.42 -8.98
C SER A 222 -13.64 -16.26 -9.96
N ASN A 223 -12.54 -15.52 -10.13
CA ASN A 223 -12.56 -14.34 -11.00
C ASN A 223 -11.35 -14.30 -11.91
CA CA B . 9.75 4.12 -15.11
C1 GOL C . -15.14 11.71 11.27
O1 GOL C . -15.11 10.35 11.46
C2 GOL C . -14.05 12.25 10.49
O2 GOL C . -12.83 11.99 11.18
C3 GOL C . -14.09 11.59 9.15
O3 GOL C . -15.19 10.73 9.13
C1 GOL D . -17.05 -5.29 -8.95
O1 GOL D . -16.32 -6.08 -9.91
C2 GOL D . -17.90 -6.18 -8.04
O2 GOL D . -17.17 -7.33 -7.64
C3 GOL D . -18.39 -5.41 -6.81
O3 GOL D . -17.33 -5.00 -5.92
S DMS E . 6.96 7.45 -18.25
O DMS E . 6.33 5.79 -18.18
C1 DMS E . 7.05 7.94 -19.99
C2 DMS E . 5.67 8.60 -17.69
S DMS F . -20.62 4.96 2.80
O DMS F . -20.75 5.94 1.30
C1 DMS F . -22.20 5.03 3.69
C2 DMS F . -20.65 3.22 2.34
S DMS G . 20.53 -9.43 -13.43
O DMS G . 21.18 -11.08 -13.19
C1 DMS G . 18.96 -9.58 -14.33
C2 DMS G . 20.00 -8.76 -11.83
C1 SZ8 H . -0.97 8.71 5.43
N1 SZ8 H . -0.55 8.22 6.68
O1 SZ8 H . -2.56 12.41 4.20
C2 SZ8 H . -1.68 7.79 4.49
N2 SZ8 H . -2.41 8.66 3.60
O2 SZ8 H . -3.28 11.24 2.45
C3 SZ8 H . -2.98 8.28 2.31
C4 SZ8 H . -2.47 9.95 4.18
C5 SZ8 H . -2.79 11.21 3.50
C6 SZ8 H . -2.65 13.60 3.43
C7 SZ8 H . -1.58 10.08 5.38
#